data_6RGC
#
_entry.id   6RGC
#
_cell.length_a   63.198
_cell.length_b   74.809
_cell.length_c   118.699
_cell.angle_alpha   90.000
_cell.angle_beta   90.000
_cell.angle_gamma   90.000
#
_symmetry.space_group_name_H-M   'I 2 2 2'
#
loop_
_entity.id
_entity.type
_entity.pdbx_description
1 polymer 'NAD kinase 1'
2 non-polymer 'CITRIC ACID'
3 non-polymer (2~{R},3~{R},4~{S},5~{R})-2-(6-aminopurin-9-yl)-5-[[3-[6-azanyl-9-[(2~{R},3~{R},4~{S},5~{R})-5-(hydroxymethyl)-3,4-bis(oxidanyl)oxolan-2-yl]purin-8-yl]prop-2-ynyl-methyl-amino]methyl]oxolane-3,4-diol
4 water water
#
_entity_poly.entity_id   1
_entity_poly.type   'polypeptide(L)'
_entity_poly.pdbx_seq_one_letter_code
;MKYMITSKGDEKSDLLRLNMIAGFGEYDMEYDDVEPEIVISIGGDGTFLSAFHQYEERLDEIAFIGIHTGHLGFYADWRP
AEADKLVKLLAKGEYQKVSYPLLKTTVKYGIGKKEATYLALNESTVKSSGGPFVVDVVINDIHFERFRGDGLCMSTPSGT
TAYNKSLGGALMHPSIEAMQLTEMASINNRVYRTIGSPLVFPKHHVVSLQPVNDKDFQISVDHLSILHRDVQEIRYEVSA
KKIHFARFRSFPFWRRVHDSFIEDLEHHHHHH
;
_entity_poly.pdbx_strand_id   A
#
loop_
_chem_comp.id
_chem_comp.type
_chem_comp.name
_chem_comp.formula
CIT non-polymer 'CITRIC ACID' 'C6 H8 O7'
K3H non-polymer (2~{R},3~{R},4~{S},5~{R})-2-(6-aminopurin-9-yl)-5-[[3-[6-azanyl-9-[(2~{R},3~{R},4~{S},5~{R})-5-(hydroxymethyl)-3,4-bis(oxidanyl)oxolan-2-yl]purin-8-yl]prop-2-ynyl-methyl-amino]methyl]oxolane-3,4-diol 'C24 H29 N11 O7'
#
# COMPACT_ATOMS: atom_id res chain seq x y z
N MET A 1 2.53 0.67 -26.73
CA MET A 1 2.38 -0.65 -26.13
C MET A 1 1.02 -0.77 -25.45
N LYS A 2 0.71 -1.96 -24.95
CA LYS A 2 -0.58 -2.17 -24.30
C LYS A 2 -0.69 -1.33 -23.04
N TYR A 3 -1.79 -0.61 -22.90
CA TYR A 3 -1.99 0.27 -21.76
C TYR A 3 -3.47 0.32 -21.43
N MET A 4 -3.77 0.84 -20.24
CA MET A 4 -5.14 1.17 -19.85
C MET A 4 -5.07 2.36 -18.91
N ILE A 5 -6.20 3.04 -18.77
CA ILE A 5 -6.29 4.23 -17.91
C ILE A 5 -7.54 4.09 -17.04
N THR A 6 -7.34 4.13 -15.72
CA THR A 6 -8.43 4.18 -14.77
C THR A 6 -8.65 5.62 -14.33
N SER A 7 -9.88 5.93 -13.93
CA SER A 7 -10.26 7.30 -13.62
C SER A 7 -11.00 7.35 -12.29
N LYS A 8 -10.79 8.44 -11.55
CA LYS A 8 -11.54 8.69 -10.32
C LYS A 8 -13.04 8.71 -10.56
N GLY A 9 -13.47 8.96 -11.80
CA GLY A 9 -14.87 8.95 -12.15
C GLY A 9 -15.52 10.31 -12.20
N ASP A 10 -14.85 11.35 -11.72
CA ASP A 10 -15.39 12.69 -11.75
C ASP A 10 -15.18 13.30 -13.14
N GLU A 11 -15.65 14.54 -13.30
CA GLU A 11 -15.65 15.17 -14.62
C GLU A 11 -14.23 15.46 -15.10
N LYS A 12 -13.38 15.99 -14.21
CA LYS A 12 -12.03 16.36 -14.62
C LYS A 12 -11.21 15.13 -15.00
N SER A 13 -11.37 14.04 -14.26
CA SER A 13 -10.59 12.83 -14.53
C SER A 13 -11.12 12.09 -15.75
N ASP A 14 -12.45 11.94 -15.86
CA ASP A 14 -13.03 11.29 -17.03
C ASP A 14 -12.65 12.01 -18.31
N LEU A 15 -12.63 13.35 -18.28
CA LEU A 15 -12.28 14.11 -19.47
C LEU A 15 -10.79 13.99 -19.78
N LEU A 16 -9.94 14.06 -18.75
CA LEU A 16 -8.50 13.93 -18.96
C LEU A 16 -8.15 12.56 -19.52
N ARG A 17 -8.86 11.52 -19.07
CA ARG A 17 -8.60 10.18 -19.58
C ARG A 17 -8.90 10.08 -21.07
N LEU A 18 -9.99 10.70 -21.53
CA LEU A 18 -10.35 10.64 -22.94
C LEU A 18 -9.31 11.34 -23.80
N ASN A 19 -8.77 12.47 -23.32
CA ASN A 19 -7.77 13.20 -24.10
C ASN A 19 -6.48 12.42 -24.22
N MET A 20 -6.09 11.70 -23.15
CA MET A 20 -4.88 10.89 -23.24
C MET A 20 -5.07 9.70 -24.18
N ILE A 21 -6.25 9.07 -24.14
CA ILE A 21 -6.55 7.99 -25.08
C ILE A 21 -6.50 8.51 -26.51
N ALA A 22 -7.06 9.70 -26.75
CA ALA A 22 -6.99 10.30 -28.08
C ALA A 22 -5.55 10.59 -28.48
N GLY A 23 -4.74 11.07 -27.54
CA GLY A 23 -3.35 11.31 -27.84
C GLY A 23 -2.58 10.02 -28.08
N PHE A 24 -2.90 8.97 -27.33
CA PHE A 24 -2.23 7.68 -27.55
C PHE A 24 -2.60 7.07 -28.89
N GLY A 25 -3.78 7.43 -29.43
CA GLY A 25 -4.17 6.97 -30.75
C GLY A 25 -3.25 7.42 -31.86
N GLU A 26 -2.48 8.49 -31.63
CA GLU A 26 -1.51 8.99 -32.60
C GLU A 26 -0.18 8.24 -32.54
N TYR A 27 -0.06 7.24 -31.68
CA TYR A 27 1.16 6.44 -31.56
C TYR A 27 0.80 4.96 -31.66
N ASP A 28 1.82 4.11 -31.54
CA ASP A 28 1.62 2.66 -31.56
C ASP A 28 1.34 2.18 -30.14
N MET A 29 0.18 2.60 -29.63
CA MET A 29 -0.28 2.27 -28.29
C MET A 29 -1.67 1.66 -28.39
N GLU A 30 -1.81 0.43 -27.92
CA GLU A 30 -3.09 -0.27 -27.95
C GLU A 30 -3.72 -0.26 -26.56
N TYR A 31 -4.97 0.19 -26.47
CA TYR A 31 -5.68 0.15 -25.21
C TYR A 31 -6.11 -1.27 -24.91
N ASP A 32 -5.77 -1.75 -23.71
CA ASP A 32 -6.10 -3.12 -23.31
C ASP A 32 -6.13 -3.15 -21.79
N ASP A 33 -7.32 -3.31 -21.22
CA ASP A 33 -7.47 -3.36 -19.77
C ASP A 33 -7.48 -4.80 -19.25
N VAL A 34 -7.15 -5.77 -20.09
CA VAL A 34 -7.02 -7.16 -19.66
C VAL A 34 -5.57 -7.54 -19.41
N GLU A 35 -4.69 -7.18 -20.33
CA GLU A 35 -3.24 -7.40 -20.17
C GLU A 35 -2.48 -6.11 -20.51
N PRO A 36 -2.69 -5.04 -19.76
CA PRO A 36 -1.91 -3.83 -20.00
C PRO A 36 -0.49 -3.99 -19.46
N GLU A 37 0.46 -3.41 -20.18
CA GLU A 37 1.83 -3.32 -19.67
C GLU A 37 2.06 -2.03 -18.89
N ILE A 38 1.19 -1.04 -19.05
CA ILE A 38 1.30 0.23 -18.35
C ILE A 38 -0.10 0.62 -17.87
N VAL A 39 -0.24 0.85 -16.56
CA VAL A 39 -1.51 1.23 -15.96
C VAL A 39 -1.38 2.67 -15.48
N ILE A 40 -2.24 3.54 -16.02
CA ILE A 40 -2.26 4.96 -15.67
C ILE A 40 -3.46 5.21 -14.76
N SER A 41 -3.21 5.82 -13.61
CA SER A 41 -4.25 6.13 -12.65
C SER A 41 -4.44 7.63 -12.60
N ILE A 42 -5.67 8.09 -12.83
CA ILE A 42 -6.01 9.51 -12.83
C ILE A 42 -6.97 9.75 -11.68
N GLY A 43 -6.48 10.38 -10.62
CA GLY A 43 -7.27 10.62 -9.43
C GLY A 43 -6.39 10.83 -8.20
N GLY A 44 -6.82 10.33 -7.05
CA GLY A 44 -6.05 10.43 -5.83
C GLY A 44 -5.32 9.14 -5.50
N ASP A 45 -4.80 9.09 -4.27
CA ASP A 45 -4.13 7.88 -3.81
C ASP A 45 -5.10 6.72 -3.68
N GLY A 46 -6.36 6.99 -3.39
CA GLY A 46 -7.35 5.93 -3.37
C GLY A 46 -7.60 5.33 -4.74
N THR A 47 -7.64 6.19 -5.77
CA THR A 47 -7.77 5.68 -7.13
C THR A 47 -6.57 4.85 -7.52
N PHE A 48 -5.36 5.32 -7.19
CA PHE A 48 -4.16 4.55 -7.48
C PHE A 48 -4.16 3.21 -6.74
N LEU A 49 -4.66 3.22 -5.50
CA LEU A 49 -4.74 1.98 -4.74
C LEU A 49 -5.72 1.00 -5.39
N SER A 50 -6.82 1.52 -5.96
CA SER A 50 -7.75 0.66 -6.67
C SER A 50 -7.12 0.08 -7.92
N ALA A 51 -6.35 0.88 -8.65
CA ALA A 51 -5.70 0.37 -9.86
C ALA A 51 -4.69 -0.72 -9.53
N PHE A 52 -3.98 -0.57 -8.41
CA PHE A 52 -2.99 -1.58 -8.01
C PHE A 52 -3.67 -2.92 -7.71
N HIS A 53 -4.74 -2.90 -6.92
CA HIS A 53 -5.43 -4.14 -6.57
C HIS A 53 -6.20 -4.70 -7.75
N GLN A 54 -6.59 -3.86 -8.70
CA GLN A 54 -7.25 -4.36 -9.90
C GLN A 54 -6.33 -5.23 -10.72
N TYR A 55 -5.02 -5.00 -10.64
CA TYR A 55 -4.03 -5.72 -11.42
C TYR A 55 -2.95 -6.34 -10.54
N GLU A 56 -3.30 -6.73 -9.32
CA GLU A 56 -2.28 -7.27 -8.40
C GLU A 56 -1.84 -8.68 -8.75
N GLU A 57 -2.41 -9.28 -9.79
CA GLU A 57 -1.97 -10.59 -10.26
C GLU A 57 -1.11 -10.51 -11.51
N ARG A 58 -0.79 -9.29 -11.97
CA ARG A 58 0.16 -9.07 -13.07
C ARG A 58 1.16 -7.99 -12.71
N LEU A 59 1.57 -7.92 -11.43
CA LEU A 59 2.45 -6.85 -11.00
C LEU A 59 3.83 -6.94 -11.64
N ASP A 60 4.30 -8.15 -11.95
CA ASP A 60 5.60 -8.32 -12.58
C ASP A 60 5.60 -7.91 -14.05
N GLU A 61 4.43 -7.67 -14.64
CA GLU A 61 4.34 -7.30 -16.05
C GLU A 61 3.76 -5.89 -16.25
N ILE A 62 3.60 -5.12 -15.18
CA ILE A 62 2.94 -3.83 -15.24
C ILE A 62 3.79 -2.77 -14.57
N ALA A 63 3.92 -1.62 -15.22
CA ALA A 63 4.49 -0.42 -14.62
C ALA A 63 3.37 0.59 -14.41
N PHE A 64 3.33 1.19 -13.22
CA PHE A 64 2.26 2.10 -12.85
C PHE A 64 2.69 3.55 -13.01
N ILE A 65 1.74 4.41 -13.33
CA ILE A 65 1.94 5.85 -13.41
C ILE A 65 0.73 6.53 -12.77
N GLY A 66 0.98 7.51 -11.92
CA GLY A 66 -0.07 8.24 -11.22
C GLY A 66 -0.14 9.69 -11.66
N ILE A 67 -1.34 10.12 -12.01
CA ILE A 67 -1.67 11.52 -12.28
C ILE A 67 -2.69 11.95 -11.25
N HIS A 68 -2.40 13.01 -10.50
CA HIS A 68 -3.27 13.45 -9.41
C HIS A 68 -4.13 14.62 -9.87
N THR A 69 -5.43 14.35 -9.96
CA THR A 69 -6.46 15.38 -10.00
C THR A 69 -7.13 15.55 -8.64
N GLY A 70 -6.83 14.68 -7.68
CA GLY A 70 -7.39 14.76 -6.34
C GLY A 70 -6.77 15.82 -5.45
N HIS A 71 -6.67 15.51 -4.15
CA HIS A 71 -6.25 16.48 -3.15
C HIS A 71 -4.76 16.40 -2.82
N LEU A 72 -4.27 15.22 -2.43
CA LEU A 72 -2.88 15.06 -2.01
C LEU A 72 -2.04 14.36 -3.07
N GLY A 73 -2.36 13.11 -3.39
CA GLY A 73 -1.69 12.40 -4.46
C GLY A 73 -0.25 12.05 -4.15
N PHE A 74 -0.04 11.11 -3.21
CA PHE A 74 1.32 10.76 -2.83
C PHE A 74 1.96 9.83 -3.86
N TYR A 75 1.22 8.86 -4.37
CA TYR A 75 1.73 7.96 -5.39
C TYR A 75 1.71 8.58 -6.78
N ALA A 76 1.15 9.77 -6.92
CA ALA A 76 1.12 10.47 -8.20
C ALA A 76 2.29 11.43 -8.29
N ASP A 77 2.95 11.45 -9.44
CA ASP A 77 4.07 12.33 -9.73
C ASP A 77 3.88 13.02 -11.07
N TRP A 78 2.63 13.37 -11.37
CA TRP A 78 2.30 14.10 -12.59
C TRP A 78 1.09 14.98 -12.33
N ARG A 79 1.18 16.24 -12.77
CA ARG A 79 0.04 17.14 -12.71
C ARG A 79 -0.77 17.05 -14.00
N PRO A 80 -2.07 17.36 -13.94
CA PRO A 80 -2.91 17.22 -15.15
C PRO A 80 -2.43 18.05 -16.33
N ALA A 81 -1.79 19.20 -16.09
CA ALA A 81 -1.31 20.02 -17.19
C ALA A 81 -0.14 19.39 -17.93
N GLU A 82 0.53 18.41 -17.32
CA GLU A 82 1.65 17.71 -17.92
C GLU A 82 1.22 16.43 -18.65
N ALA A 83 -0.07 16.26 -18.89
CA ALA A 83 -0.56 14.99 -19.42
C ALA A 83 -0.08 14.75 -20.84
N ASP A 84 -0.04 15.80 -21.67
CA ASP A 84 0.39 15.63 -23.06
C ASP A 84 1.88 15.28 -23.14
N LYS A 85 2.70 15.91 -22.29
CA LYS A 85 4.10 15.54 -22.23
C LYS A 85 4.28 14.10 -21.76
N LEU A 86 3.39 13.63 -20.88
CA LEU A 86 3.47 12.25 -20.43
C LEU A 86 3.12 11.28 -21.55
N VAL A 87 2.16 11.64 -22.40
CA VAL A 87 1.77 10.79 -23.52
C VAL A 87 2.94 10.59 -24.46
N LYS A 88 3.65 11.67 -24.80
CA LYS A 88 4.77 11.57 -25.73
C LYS A 88 5.90 10.73 -25.14
N LEU A 89 6.32 11.05 -23.92
CA LEU A 89 7.40 10.32 -23.28
C LEU A 89 7.04 8.84 -23.13
N LEU A 90 5.77 8.55 -22.83
CA LEU A 90 5.33 7.16 -22.71
C LEU A 90 5.41 6.44 -24.04
N ALA A 91 5.07 7.14 -25.14
CA ALA A 91 5.11 6.53 -26.46
C ALA A 91 6.54 6.18 -26.86
N LYS A 92 7.45 7.14 -26.74
CA LYS A 92 8.87 6.87 -26.99
C LYS A 92 9.39 5.76 -26.09
N GLY A 93 8.88 5.67 -24.86
CA GLY A 93 9.26 4.59 -23.96
C GLY A 93 10.68 4.74 -23.45
N GLU A 94 11.31 3.59 -23.16
CA GLU A 94 12.69 3.53 -22.67
C GLU A 94 12.87 4.39 -21.42
N TYR A 95 11.86 4.37 -20.57
CA TYR A 95 11.88 5.07 -19.29
C TYR A 95 12.66 4.24 -18.28
N GLN A 96 12.64 4.67 -17.02
CA GLN A 96 13.25 3.93 -15.93
C GLN A 96 12.15 3.34 -15.04
N LYS A 97 12.38 2.12 -14.56
CA LYS A 97 11.44 1.44 -13.69
C LYS A 97 11.96 1.43 -12.26
N VAL A 98 11.08 1.71 -11.32
CA VAL A 98 11.40 1.78 -9.89
C VAL A 98 10.45 0.87 -9.14
N SER A 99 10.98 0.07 -8.22
CA SER A 99 10.22 -0.95 -7.52
C SER A 99 10.17 -0.63 -6.03
N TYR A 100 8.96 -0.72 -5.46
CA TYR A 100 8.70 -0.57 -4.04
C TYR A 100 8.29 -1.91 -3.43
N PRO A 101 8.71 -2.20 -2.20
CA PRO A 101 8.34 -3.47 -1.58
C PRO A 101 6.87 -3.48 -1.20
N LEU A 102 6.33 -4.70 -1.07
CA LEU A 102 4.93 -4.90 -0.74
C LEU A 102 4.82 -5.81 0.47
N LEU A 103 3.63 -5.81 1.07
CA LEU A 103 3.36 -6.58 2.28
C LEU A 103 2.45 -7.75 1.95
N LYS A 104 2.80 -8.94 2.44
CA LYS A 104 1.98 -10.13 2.30
C LYS A 104 1.28 -10.41 3.62
N THR A 105 -0.04 -10.63 3.55
CA THR A 105 -0.85 -10.96 4.71
C THR A 105 -1.52 -12.31 4.49
N THR A 106 -1.34 -13.22 5.44
CA THR A 106 -1.93 -14.55 5.37
C THR A 106 -2.86 -14.74 6.56
N VAL A 107 -4.11 -15.15 6.27
CA VAL A 107 -5.12 -15.39 7.29
C VAL A 107 -5.48 -16.86 7.25
N LYS A 108 -5.17 -17.58 8.33
CA LYS A 108 -5.49 -19.00 8.44
C LYS A 108 -6.70 -19.19 9.33
N TYR A 109 -7.49 -20.21 9.01
CA TYR A 109 -8.73 -20.50 9.75
C TYR A 109 -8.66 -21.86 10.44
N GLU A 115 -7.48 -20.85 4.18
CA GLU A 115 -6.41 -19.87 4.19
C GLU A 115 -6.54 -18.90 3.02
N ALA A 116 -6.42 -17.60 3.31
CA ALA A 116 -6.49 -16.55 2.30
C ALA A 116 -5.29 -15.63 2.45
N THR A 117 -4.73 -15.22 1.31
CA THR A 117 -3.59 -14.32 1.28
C THR A 117 -3.97 -13.01 0.62
N TYR A 118 -3.34 -11.93 1.06
CA TYR A 118 -3.61 -10.60 0.53
C TYR A 118 -2.29 -9.88 0.29
N LEU A 119 -2.34 -8.89 -0.60
CA LEU A 119 -1.19 -8.09 -0.96
C LEU A 119 -1.52 -6.62 -0.72
N ALA A 120 -0.64 -5.92 -0.02
CA ALA A 120 -0.90 -4.53 0.36
C ALA A 120 0.19 -3.63 -0.21
N LEU A 121 -0.22 -2.44 -0.67
CA LEU A 121 0.71 -1.40 -1.06
C LEU A 121 0.93 -0.37 0.04
N ASN A 122 -0.09 -0.09 0.84
CA ASN A 122 0.05 0.80 1.98
C ASN A 122 0.26 0.02 3.27
N GLU A 123 -0.78 -0.66 3.75
CA GLU A 123 -0.68 -1.36 5.02
C GLU A 123 -1.81 -2.37 5.16
N SER A 124 -1.69 -3.20 6.20
CA SER A 124 -2.73 -4.12 6.62
C SER A 124 -2.90 -3.98 8.13
N THR A 125 -4.15 -3.78 8.57
CA THR A 125 -4.45 -3.55 9.98
C THR A 125 -5.42 -4.61 10.49
N VAL A 126 -5.41 -4.80 11.81
CA VAL A 126 -6.28 -5.76 12.48
C VAL A 126 -6.97 -5.05 13.64
N LYS A 127 -8.28 -5.22 13.76
CA LYS A 127 -9.04 -4.75 14.90
C LYS A 127 -9.99 -5.86 15.33
N SER A 128 -10.66 -5.66 16.46
CA SER A 128 -11.63 -6.64 16.92
C SER A 128 -12.94 -6.47 16.19
N SER A 129 -13.78 -7.51 16.27
CA SER A 129 -15.10 -7.50 15.65
C SER A 129 -16.17 -6.92 16.56
N GLY A 130 -15.78 -6.25 17.64
CA GLY A 130 -16.73 -5.69 18.57
C GLY A 130 -16.21 -5.63 19.99
N GLY A 131 -15.80 -6.78 20.52
CA GLY A 131 -15.26 -6.86 21.86
C GLY A 131 -13.87 -6.28 21.96
N PRO A 132 -13.16 -6.61 23.03
CA PRO A 132 -11.78 -6.12 23.19
C PRO A 132 -10.83 -6.89 22.28
N PHE A 133 -9.78 -6.18 21.85
CA PHE A 133 -8.77 -6.75 20.96
C PHE A 133 -7.58 -7.22 21.79
N VAL A 134 -7.34 -8.53 21.79
CA VAL A 134 -6.22 -9.14 22.49
C VAL A 134 -5.59 -10.18 21.58
N VAL A 135 -4.31 -10.01 21.25
CA VAL A 135 -3.58 -10.97 20.43
C VAL A 135 -2.18 -11.16 21.00
N ASP A 136 -1.65 -12.37 20.84
CA ASP A 136 -0.24 -12.63 21.14
C ASP A 136 0.58 -12.36 19.88
N VAL A 137 1.64 -11.59 20.03
CA VAL A 137 2.50 -11.22 18.91
C VAL A 137 3.71 -12.16 18.93
N VAL A 138 3.83 -12.98 17.90
CA VAL A 138 4.89 -13.97 17.79
C VAL A 138 5.79 -13.56 16.63
N ILE A 139 7.08 -13.42 16.91
CA ILE A 139 8.08 -13.02 15.93
C ILE A 139 9.03 -14.19 15.71
N ASN A 140 9.02 -14.74 14.49
CA ASN A 140 9.89 -15.85 14.13
C ASN A 140 9.77 -17.00 15.13
N ASP A 141 8.52 -17.39 15.41
CA ASP A 141 8.13 -18.45 16.32
C ASP A 141 8.42 -18.12 17.79
N ILE A 142 8.86 -16.91 18.10
CA ILE A 142 9.17 -16.50 19.47
C ILE A 142 8.08 -15.53 19.94
N HIS A 143 7.47 -15.85 21.08
CA HIS A 143 6.43 -15.00 21.65
CA HIS A 143 6.43 -15.00 21.65
C HIS A 143 7.06 -13.71 22.15
N PHE A 144 6.65 -12.58 21.57
CA PHE A 144 7.22 -11.28 21.88
C PHE A 144 6.40 -10.47 22.88
N GLU A 145 5.07 -10.49 22.77
CA GLU A 145 4.23 -9.69 23.64
C GLU A 145 2.79 -10.14 23.49
N ARG A 146 1.97 -9.77 24.47
CA ARG A 146 0.52 -9.87 24.38
C ARG A 146 -0.03 -8.45 24.27
N PHE A 147 -0.64 -8.15 23.13
CA PHE A 147 -1.12 -6.79 22.84
C PHE A 147 -2.59 -6.67 23.21
N ARG A 148 -2.91 -5.64 23.98
CA ARG A 148 -4.29 -5.27 24.29
C ARG A 148 -4.49 -3.81 23.91
N GLY A 149 -5.45 -3.55 23.03
CA GLY A 149 -5.70 -2.19 22.61
C GLY A 149 -6.73 -2.14 21.49
N ASP A 150 -6.59 -1.14 20.63
CA ASP A 150 -7.52 -1.00 19.51
C ASP A 150 -7.13 -1.88 18.33
N GLY A 151 -5.84 -2.04 18.07
CA GLY A 151 -5.41 -2.89 16.98
C GLY A 151 -3.94 -2.65 16.66
N LEU A 152 -3.53 -3.24 15.54
CA LEU A 152 -2.15 -3.16 15.06
C LEU A 152 -2.15 -2.84 13.58
N CYS A 153 -1.07 -2.21 13.13
CA CYS A 153 -0.93 -1.78 11.74
C CYS A 153 0.44 -2.19 11.22
N MET A 154 0.46 -2.96 10.14
CA MET A 154 1.71 -3.38 9.49
C MET A 154 1.80 -2.67 8.15
N SER A 155 2.83 -1.84 7.98
CA SER A 155 2.93 -0.94 6.85
C SER A 155 4.08 -1.33 5.94
N THR A 156 3.91 -1.04 4.65
CA THR A 156 4.99 -1.10 3.68
C THR A 156 5.87 0.13 3.83
N PRO A 157 7.04 0.17 3.18
CA PRO A 157 7.84 1.39 3.21
C PRO A 157 7.10 2.61 2.66
N SER A 158 6.54 2.51 1.46
CA SER A 158 5.78 3.61 0.89
C SER A 158 4.50 3.89 1.66
N GLY A 159 4.03 2.93 2.47
CA GLY A 159 2.87 3.15 3.31
C GLY A 159 3.16 3.82 4.63
N THR A 160 4.44 4.04 4.96
CA THR A 160 4.79 4.66 6.23
C THR A 160 4.34 6.11 6.31
N THR A 161 4.16 6.78 5.17
CA THR A 161 3.63 8.13 5.17
C THR A 161 2.11 8.18 5.24
N ALA A 162 1.45 7.03 5.39
CA ALA A 162 0.00 6.93 5.36
C ALA A 162 -0.50 6.65 6.77
N TYR A 163 -1.29 5.59 7.00
CA TYR A 163 -1.81 5.30 8.34
C TYR A 163 -0.69 5.15 9.35
N ASN A 164 0.42 4.53 8.94
CA ASN A 164 1.56 4.33 9.83
C ASN A 164 2.04 5.65 10.44
N LYS A 165 2.03 6.73 9.65
CA LYS A 165 2.50 8.02 10.15
C LYS A 165 1.59 8.55 11.25
N SER A 166 0.27 8.45 11.06
CA SER A 166 -0.66 8.95 12.07
C SER A 166 -0.57 8.18 13.38
N LEU A 167 -0.05 6.97 13.36
CA LEU A 167 0.11 6.16 14.56
C LEU A 167 1.46 6.36 15.24
N GLY A 168 2.23 7.36 14.80
CA GLY A 168 3.54 7.62 15.37
C GLY A 168 4.68 6.84 14.74
N GLY A 169 4.44 6.12 13.66
CA GLY A 169 5.49 5.32 13.06
C GLY A 169 6.51 6.15 12.30
N ALA A 170 7.64 5.53 12.02
CA ALA A 170 8.72 6.20 11.30
C ALA A 170 8.48 6.15 9.80
N LEU A 171 9.06 7.10 9.08
CA LEU A 171 9.01 7.12 7.63
C LEU A 171 10.25 6.44 7.07
N MET A 172 10.04 5.41 6.26
CA MET A 172 11.13 4.60 5.72
C MET A 172 11.28 4.85 4.23
N HIS A 173 12.52 4.84 3.76
CA HIS A 173 12.75 4.96 2.32
C HIS A 173 12.40 3.64 1.64
N PRO A 174 11.74 3.68 0.48
CA PRO A 174 11.25 2.44 -0.14
C PRO A 174 12.35 1.54 -0.68
N SER A 175 13.60 1.98 -0.74
CA SER A 175 14.68 1.06 -1.09
C SER A 175 14.95 0.06 0.01
N ILE A 176 14.38 0.25 1.19
CA ILE A 176 14.54 -0.65 2.32
C ILE A 176 13.42 -1.67 2.26
N GLU A 177 13.76 -2.91 1.91
CA GLU A 177 12.78 -3.99 1.87
C GLU A 177 12.43 -4.37 3.30
N ALA A 178 11.32 -3.84 3.81
CA ALA A 178 10.97 -4.04 5.21
C ALA A 178 9.48 -3.76 5.40
N MET A 179 9.00 -4.08 6.61
CA MET A 179 7.65 -3.77 7.05
C MET A 179 7.74 -3.22 8.46
N GLN A 180 6.77 -2.36 8.81
CA GLN A 180 6.79 -1.67 10.09
C GLN A 180 5.47 -1.91 10.81
N LEU A 181 5.55 -2.40 12.04
CA LEU A 181 4.39 -2.66 12.89
C LEU A 181 4.24 -1.52 13.89
N THR A 182 3.04 -0.92 13.93
CA THR A 182 2.74 0.15 14.86
C THR A 182 1.50 -0.21 15.68
N GLU A 183 1.41 0.37 16.87
CA GLU A 183 0.33 0.08 17.81
C GLU A 183 -0.80 1.10 17.67
N MET A 184 -2.02 0.63 17.97
CA MET A 184 -3.19 1.50 18.07
C MET A 184 -3.68 1.48 19.51
N ALA A 185 -3.42 2.56 20.24
CA ALA A 185 -3.94 2.78 21.59
C ALA A 185 -3.78 1.55 22.47
N SER A 186 -2.54 1.17 22.77
CA SER A 186 -2.28 -0.01 23.57
CA SER A 186 -2.28 -0.01 23.57
C SER A 186 -2.49 0.28 25.05
N ILE A 187 -2.96 -0.72 25.77
CA ILE A 187 -3.11 -0.61 27.22
C ILE A 187 -1.78 -0.96 27.87
N ASN A 188 -1.31 -0.11 28.77
CA ASN A 188 -0.04 -0.34 29.45
C ASN A 188 -0.18 0.11 30.90
N ASN A 189 -0.14 -0.84 31.82
CA ASN A 189 -0.26 -0.55 33.24
C ASN A 189 0.64 -1.54 33.99
N ARG A 190 0.35 -1.72 35.28
CA ARG A 190 1.12 -2.67 36.08
C ARG A 190 0.98 -4.09 35.55
N VAL A 191 -0.15 -4.40 34.93
CA VAL A 191 -0.47 -5.75 34.50
C VAL A 191 -0.21 -5.95 33.02
N TYR A 192 -0.63 -4.99 32.19
CA TYR A 192 -0.50 -5.09 30.75
C TYR A 192 0.70 -4.29 30.26
N ARG A 193 1.42 -4.86 29.30
CA ARG A 193 2.70 -4.30 28.86
C ARG A 193 2.96 -4.65 27.41
N THR A 194 3.24 -3.63 26.60
CA THR A 194 3.66 -3.80 25.22
C THR A 194 4.95 -3.00 25.00
N ILE A 195 5.58 -3.23 23.85
CA ILE A 195 6.84 -2.55 23.55
C ILE A 195 6.63 -1.06 23.37
N GLY A 196 5.43 -0.66 22.95
N GLY A 196 5.45 -0.63 22.92
CA GLY A 196 5.11 0.74 22.68
CA GLY A 196 5.14 0.78 22.78
C GLY A 196 5.69 1.26 21.40
C GLY A 196 5.90 1.54 21.72
N SER A 197 6.95 0.95 21.12
CA SER A 197 7.66 1.54 19.99
C SER A 197 7.28 0.83 18.70
N PRO A 198 7.34 1.54 17.57
CA PRO A 198 7.19 0.87 16.28
C PRO A 198 8.31 -0.13 16.07
N LEU A 199 8.01 -1.20 15.35
CA LEU A 199 8.97 -2.25 15.05
C LEU A 199 9.15 -2.35 13.54
N VAL A 200 10.40 -2.34 13.09
CA VAL A 200 10.73 -2.45 11.67
C VAL A 200 11.39 -3.81 11.46
N PHE A 201 10.77 -4.63 10.60
CA PHE A 201 11.23 -6.00 10.34
C PHE A 201 11.81 -6.11 8.94
N PRO A 202 12.92 -6.83 8.77
CA PRO A 202 13.51 -7.01 7.45
C PRO A 202 12.77 -8.11 6.68
N LYS A 203 13.26 -8.37 5.47
CA LYS A 203 12.79 -9.52 4.69
C LYS A 203 13.01 -10.81 5.48
N HIS A 204 12.16 -11.79 5.20
CA HIS A 204 12.12 -13.16 5.71
C HIS A 204 11.79 -13.22 7.21
N HIS A 205 11.61 -12.09 7.90
CA HIS A 205 11.04 -12.12 9.24
C HIS A 205 9.52 -12.25 9.16
N VAL A 206 8.96 -13.09 10.03
CA VAL A 206 7.55 -13.40 10.03
C VAL A 206 6.95 -12.95 11.35
N VAL A 207 5.97 -12.06 11.29
CA VAL A 207 5.23 -11.61 12.44
C VAL A 207 3.85 -12.27 12.41
N SER A 208 3.51 -12.97 13.49
CA SER A 208 2.27 -13.75 13.57
C SER A 208 1.43 -13.25 14.72
N LEU A 209 0.17 -12.94 14.44
CA LEU A 209 -0.81 -12.55 15.46
C LEU A 209 -1.71 -13.74 15.73
N GLN A 210 -1.83 -14.09 17.01
CA GLN A 210 -2.59 -15.28 17.42
C GLN A 210 -3.64 -14.89 18.45
N PRO A 211 -4.89 -15.32 18.28
CA PRO A 211 -5.95 -14.87 19.19
C PRO A 211 -5.80 -15.45 20.58
N VAL A 212 -6.35 -14.74 21.56
CA VAL A 212 -6.35 -15.14 22.96
C VAL A 212 -7.72 -15.63 23.41
N ASN A 213 -8.77 -14.89 23.06
CA ASN A 213 -10.13 -15.31 23.36
C ASN A 213 -11.01 -15.19 22.12
N ASP A 214 -11.45 -13.98 21.80
CA ASP A 214 -12.25 -13.77 20.60
C ASP A 214 -11.42 -14.11 19.37
N LYS A 215 -12.06 -14.76 18.40
CA LYS A 215 -11.38 -15.19 17.18
C LYS A 215 -11.88 -14.44 15.94
N ASP A 216 -12.73 -13.44 16.12
CA ASP A 216 -13.26 -12.66 15.01
C ASP A 216 -12.56 -11.30 14.97
N PHE A 217 -11.99 -10.96 13.81
CA PHE A 217 -11.25 -9.72 13.65
C PHE A 217 -11.70 -9.00 12.39
N GLN A 218 -11.59 -7.67 12.41
CA GLN A 218 -11.79 -6.85 11.22
C GLN A 218 -10.41 -6.57 10.64
N ILE A 219 -10.13 -7.14 9.47
CA ILE A 219 -8.82 -7.04 8.84
C ILE A 219 -8.95 -6.16 7.61
N SER A 220 -8.14 -5.11 7.56
CA SER A 220 -8.10 -4.21 6.41
C SER A 220 -6.81 -4.43 5.63
N VAL A 221 -6.92 -4.35 4.31
CA VAL A 221 -5.76 -4.35 3.42
C VAL A 221 -5.91 -3.13 2.53
N ASP A 222 -5.11 -2.10 2.79
CA ASP A 222 -5.25 -0.80 2.13
C ASP A 222 -6.67 -0.27 2.33
N HIS A 223 -7.44 -0.16 1.24
CA HIS A 223 -8.78 0.42 1.35
C HIS A 223 -9.79 -0.60 1.88
N LEU A 224 -9.79 -1.81 1.32
CA LEU A 224 -10.82 -2.78 1.66
C LEU A 224 -10.64 -3.29 3.09
N SER A 225 -11.77 -3.49 3.79
CA SER A 225 -11.79 -4.01 5.14
C SER A 225 -12.79 -5.15 5.21
N ILE A 226 -12.33 -6.31 5.68
CA ILE A 226 -13.12 -7.54 5.67
C ILE A 226 -13.21 -8.08 7.09
N LEU A 227 -14.41 -8.56 7.45
CA LEU A 227 -14.59 -9.28 8.71
C LEU A 227 -14.22 -10.74 8.51
N HIS A 228 -13.25 -11.21 9.29
CA HIS A 228 -12.81 -12.60 9.25
C HIS A 228 -13.27 -13.32 10.51
N ARG A 229 -13.78 -14.53 10.34
CA ARG A 229 -14.32 -15.33 11.42
C ARG A 229 -13.50 -16.59 11.62
N ASP A 230 -13.48 -17.08 12.86
CA ASP A 230 -12.76 -18.29 13.24
C ASP A 230 -11.30 -18.21 12.80
N VAL A 231 -10.67 -17.09 13.13
CA VAL A 231 -9.28 -16.85 12.75
C VAL A 231 -8.37 -17.60 13.71
N GLN A 232 -7.43 -18.37 13.16
CA GLN A 232 -6.41 -19.03 13.96
C GLN A 232 -5.09 -18.28 13.96
N GLU A 233 -4.80 -17.50 12.92
CA GLU A 233 -3.50 -16.85 12.82
C GLU A 233 -3.55 -15.81 11.71
N ILE A 234 -2.94 -14.65 11.97
CA ILE A 234 -2.68 -13.62 10.97
C ILE A 234 -1.17 -13.50 10.82
N ARG A 235 -0.67 -13.64 9.61
CA ARG A 235 0.76 -13.74 9.34
CA ARG A 235 0.75 -13.74 9.34
C ARG A 235 1.19 -12.59 8.45
N TYR A 236 2.23 -11.87 8.88
CA TYR A 236 2.79 -10.74 8.13
C TYR A 236 4.23 -11.04 7.73
N GLU A 237 4.58 -10.63 6.52
CA GLU A 237 5.94 -10.77 6.01
C GLU A 237 6.10 -9.91 4.77
N VAL A 238 7.34 -9.49 4.50
CA VAL A 238 7.61 -8.76 3.27
C VAL A 238 7.37 -9.66 2.08
N SER A 239 6.54 -9.21 1.16
CA SER A 239 6.19 -10.01 0.00
C SER A 239 7.39 -10.17 -0.94
N ALA A 240 7.37 -11.26 -1.71
CA ALA A 240 8.33 -11.43 -2.78
C ALA A 240 7.96 -10.62 -4.01
N LYS A 241 6.71 -10.18 -4.11
CA LYS A 241 6.25 -9.36 -5.21
C LYS A 241 6.53 -7.89 -4.94
N LYS A 242 6.78 -7.14 -6.01
CA LYS A 242 7.05 -5.72 -5.93
C LYS A 242 6.19 -4.98 -6.94
N ILE A 243 5.82 -3.75 -6.61
CA ILE A 243 5.13 -2.87 -7.55
C ILE A 243 6.17 -2.10 -8.33
N HIS A 244 5.92 -1.89 -9.62
CA HIS A 244 6.87 -1.23 -10.51
C HIS A 244 6.25 0.07 -11.00
N PHE A 245 7.02 1.17 -10.88
CA PHE A 245 6.61 2.48 -11.36
C PHE A 245 7.40 2.84 -12.61
N ALA A 246 6.73 3.54 -13.52
CA ALA A 246 7.39 4.13 -14.67
C ALA A 246 7.77 5.56 -14.32
N ARG A 247 9.06 5.82 -14.16
CA ARG A 247 9.57 7.13 -13.76
C ARG A 247 10.22 7.80 -14.96
N PHE A 248 9.71 8.98 -15.32
CA PHE A 248 10.21 9.73 -16.46
C PHE A 248 11.09 10.90 -16.07
N ARG A 249 11.30 11.14 -14.77
CA ARG A 249 12.14 12.22 -14.31
C ARG A 249 12.49 11.95 -12.85
N SER A 250 13.27 12.85 -12.26
CA SER A 250 13.71 12.71 -10.88
C SER A 250 12.65 13.30 -9.95
N PHE A 251 12.11 12.47 -9.07
CA PHE A 251 11.22 12.90 -8.01
C PHE A 251 11.55 12.08 -6.77
N PRO A 252 12.60 12.48 -6.04
CA PRO A 252 13.07 11.65 -4.93
C PRO A 252 12.01 11.48 -3.85
N PHE A 253 12.11 10.36 -3.14
CA PHE A 253 11.11 10.03 -2.10
C PHE A 253 11.06 11.12 -1.04
N TRP A 254 12.23 11.61 -0.62
CA TRP A 254 12.26 12.60 0.45
C TRP A 254 11.74 13.96 -0.02
N ARG A 255 11.91 14.29 -1.29
CA ARG A 255 11.26 15.49 -1.82
C ARG A 255 9.76 15.27 -1.92
N ARG A 256 9.34 14.06 -2.33
CA ARG A 256 7.92 13.71 -2.30
C ARG A 256 7.35 13.85 -0.90
N VAL A 257 8.13 13.45 0.11
CA VAL A 257 7.70 13.62 1.50
C VAL A 257 7.64 15.10 1.85
N HIS A 258 8.69 15.85 1.49
CA HIS A 258 8.71 17.28 1.79
C HIS A 258 7.53 18.01 1.19
N ASP A 259 7.21 17.71 -0.08
CA ASP A 259 6.13 18.40 -0.75
C ASP A 259 4.77 18.03 -0.16
N SER A 260 4.65 16.86 0.44
CA SER A 260 3.37 16.41 0.96
C SER A 260 3.11 16.83 2.40
N PHE A 261 4.15 17.13 3.18
CA PHE A 261 3.96 17.39 4.60
C PHE A 261 4.55 18.73 5.04
N ILE A 262 5.59 19.20 4.37
CA ILE A 262 6.25 20.43 4.81
C ILE A 262 5.66 21.62 4.07
N GLU A 263 5.81 21.64 2.74
CA GLU A 263 5.32 22.75 1.93
C GLU A 263 5.47 22.42 0.46
N ASP A 264 4.53 22.91 -0.34
CA ASP A 264 4.60 22.76 -1.79
C ASP A 264 3.87 23.93 -2.44
C1 CIT B . 14.82 8.00 -4.56
O1 CIT B . 13.97 8.39 -3.72
O2 CIT B . 15.98 8.46 -4.49
C2 CIT B . 14.47 7.00 -5.64
C3 CIT B . 13.11 7.32 -6.25
O7 CIT B . 13.00 8.75 -6.44
C4 CIT B . 12.98 6.63 -7.61
C5 CIT B . 13.50 7.53 -8.70
O3 CIT B . 14.45 7.18 -9.42
O4 CIT B . 12.96 8.66 -8.90
C6 CIT B . 12.00 6.85 -5.33
O5 CIT B . 12.14 5.79 -4.69
O6 CIT B . 10.95 7.52 -5.20
C4 K3H C . -5.39 6.67 7.25
C5 K3H C . -6.13 6.65 8.29
C6 K3H C . -5.86 7.44 9.33
C8 K3H C . -6.87 5.27 6.89
N1 K3H C . -4.89 8.22 9.32
N3 K3H C . -4.40 7.46 7.24
C1' K3H C . -3.31 9.81 1.77
C2 K3H C . -4.16 8.24 8.24
C2' K3H C . -4.37 10.26 0.85
C3' K3H C . -5.09 11.15 1.82
C4' K3H C . -4.90 10.43 3.10
C5' K3H C . -6.26 10.02 3.53
CAA K3H C . -8.55 5.53 1.15
CAI K3H C . -5.01 6.58 0.52
CAJ K3H C . -4.01 6.96 0.76
CAL K3H C . 0.80 9.48 2.09
CAO K3H C . -6.41 6.07 0.22
CAP K3H C . -6.76 4.61 2.15
CAZ K3H C . 0.54 7.39 1.37
CBA K3H C . -2.83 7.45 1.04
CBC K3H C . -0.76 7.56 1.28
CBE K3H C . -1.30 8.69 1.60
CBG K3H C . -5.34 3.67 3.88
CBH K3H C . -4.59 4.26 5.01
CBK K3H C . -5.70 4.89 3.18
CBL K3H C . -5.26 5.59 5.10
N6 K3H C . -6.59 7.43 10.36
N7 K3H C . -7.05 5.78 8.07
N9 K3H C . -5.83 5.84 6.38
NAC K3H C . 1.01 6.24 1.04
NAR K3H C . 1.32 8.31 1.79
NAT K3H C . -0.53 9.67 2.02
NAV K3H C . -1.73 6.78 0.92
NBN K3H C . -7.16 5.77 1.42
NBP K3H C . -2.57 8.65 1.42
O2' K3H C . -3.84 11.01 -0.16
O3' K3H C . -4.44 12.28 2.06
O4' K3H C . -4.07 9.39 2.79
O5' K3H C . -6.46 8.69 3.20
OAF K3H C . -4.56 2.91 3.13
OAG K3H C . -3.32 4.44 4.63
OAX K3H C . -6.25 5.53 4.19
#